data_5NIB
#
_entry.id   5NIB
#
_cell.length_a   62.140
_cell.length_b   62.140
_cell.length_c   158.250
_cell.angle_alpha   90.00
_cell.angle_beta   90.00
_cell.angle_gamma   90.00
#
_symmetry.space_group_name_H-M   'P 41 21 2'
#
loop_
_entity.id
_entity.type
_entity.pdbx_description
1 polymer 'Nuclear receptor ROR-gamma'
2 polymer 'The tethered SRC2-2 peptide'
3 non-polymer ~{N}-[4-[2-[(3-cyanophenyl)methoxy]pyridin-3-yl]thiophen-2-yl]-2-(4-ethylsulfonylphenyl)ethanamide
4 non-polymer 'SODIUM ION'
5 non-polymer 'DIMETHYL SULFOXIDE'
6 water water
#
loop_
_entity_poly.entity_id
_entity_poly.type
_entity_poly.pdbx_seq_one_letter_code
_entity_poly.pdbx_strand_id
1 'polypeptide(L)'
;MHNHNHNHNHNHNGGENLYFQGASLTEIEHLVQSVCKSYRETCQLRLEDLLRQRSNIFSREEVTGYQRKSMWEMWERCAH
HLTEAIQYVVEFAKRLSGFMELCQNDQIVLLKAGAMEVVLVRMCRAYNADNRTVFFEGKYGGMELFRALGCSELISSIFD
FSHSLSALHFSEDEIALYTALVLINAHRPGLQEKRKVEQLQYNLELAFHHHLCKTHRQSILAKLPPKGKLRSLCSQHVER
LQIFQHLHPIVVQAAFPPLYKELFSGGSGGSGGKEKHKILHRLLQDSS
;
A
2 'polypeptide(L)' KEKHKILHRLLQDSS C
#
# COMPACT_ATOMS: atom_id res chain seq x y z
N GLU A 16 -12.61 13.43 -20.84
CA GLU A 16 -11.73 12.28 -21.12
C GLU A 16 -12.27 11.00 -20.47
N ASN A 17 -12.87 11.14 -19.27
CA ASN A 17 -13.50 10.04 -18.49
C ASN A 17 -14.76 10.58 -17.82
N LEU A 18 -15.79 9.72 -17.70
CA LEU A 18 -17.06 10.03 -17.07
C LEU A 18 -16.87 10.57 -15.64
N TYR A 19 -15.94 9.95 -14.87
CA TYR A 19 -15.70 10.31 -13.47
C TYR A 19 -14.84 11.59 -13.28
N PHE A 20 -14.54 12.32 -14.39
CA PHE A 20 -13.87 13.63 -14.33
C PHE A 20 -14.92 14.77 -14.25
N GLN A 21 -16.21 14.40 -14.25
CA GLN A 21 -17.36 15.31 -14.12
C GLN A 21 -18.32 14.74 -13.04
N GLY A 22 -19.45 15.40 -12.81
CA GLY A 22 -20.47 14.98 -11.86
C GLY A 22 -21.13 13.67 -12.27
N ALA A 23 -21.18 12.70 -11.35
CA ALA A 23 -21.74 11.38 -11.62
C ALA A 23 -23.08 11.15 -10.90
N SER A 24 -24.03 10.52 -11.59
CA SER A 24 -25.34 10.15 -11.05
C SER A 24 -25.18 8.96 -10.07
N LEU A 25 -26.26 8.62 -9.33
CA LEU A 25 -26.26 7.47 -8.42
C LEU A 25 -25.91 6.16 -9.11
N THR A 26 -26.55 5.87 -10.26
CA THR A 26 -26.29 4.65 -11.04
C THR A 26 -24.80 4.55 -11.50
N GLU A 27 -24.20 5.68 -11.89
CA GLU A 27 -22.78 5.76 -12.29
C GLU A 27 -21.86 5.56 -11.07
N ILE A 28 -22.30 5.98 -9.87
CA ILE A 28 -21.53 5.78 -8.63
C ILE A 28 -21.59 4.28 -8.27
N GLU A 29 -22.78 3.64 -8.43
CA GLU A 29 -22.96 2.22 -8.21
C GLU A 29 -22.02 1.40 -9.13
N HIS A 30 -21.89 1.83 -10.41
CA HIS A 30 -20.98 1.23 -11.39
C HIS A 30 -19.52 1.37 -10.94
N LEU A 31 -19.17 2.54 -10.36
CA LEU A 31 -17.81 2.83 -9.85
C LEU A 31 -17.43 1.88 -8.72
N VAL A 32 -18.39 1.60 -7.79
CA VAL A 32 -18.17 0.65 -6.68
C VAL A 32 -17.76 -0.72 -7.28
N GLN A 33 -18.58 -1.23 -8.22
CA GLN A 33 -18.31 -2.51 -8.88
C GLN A 33 -16.95 -2.55 -9.59
N SER A 34 -16.62 -1.50 -10.35
CA SER A 34 -15.36 -1.37 -11.09
C SER A 34 -14.14 -1.38 -10.16
N VAL A 35 -14.18 -0.57 -9.08
CA VAL A 35 -13.08 -0.49 -8.10
C VAL A 35 -12.84 -1.82 -7.44
N CYS A 36 -13.94 -2.47 -6.99
CA CYS A 36 -13.87 -3.79 -6.37
C CYS A 36 -13.30 -4.85 -7.34
N LYS A 37 -13.66 -4.77 -8.62
CA LYS A 37 -13.14 -5.69 -9.63
C LYS A 37 -11.64 -5.47 -9.82
N SER A 38 -11.21 -4.20 -9.95
CA SER A 38 -9.81 -3.82 -10.15
C SER A 38 -8.93 -4.35 -9.00
N TYR A 39 -9.43 -4.19 -7.75
CA TYR A 39 -8.76 -4.68 -6.56
C TYR A 39 -8.66 -6.25 -6.53
N ARG A 40 -9.80 -6.98 -6.70
CA ARG A 40 -9.84 -8.46 -6.71
C ARG A 40 -8.80 -9.03 -7.67
N GLU A 41 -8.65 -8.41 -8.86
CA GLU A 41 -7.70 -8.79 -9.91
C GLU A 41 -6.23 -8.44 -9.61
N THR A 42 -5.96 -7.55 -8.64
CA THR A 42 -4.58 -7.11 -8.33
C THR A 42 -4.22 -7.21 -6.84
N CYS A 43 -4.99 -7.97 -6.05
CA CYS A 43 -4.83 -8.04 -4.59
C CYS A 43 -3.57 -8.79 -4.11
N GLN A 44 -2.76 -9.36 -5.05
CA GLN A 44 -1.51 -10.10 -4.84
C GLN A 44 -1.75 -11.49 -4.23
N LEU A 45 -2.17 -11.54 -2.95
CA LEU A 45 -2.51 -12.77 -2.26
C LEU A 45 -4.00 -12.73 -1.90
N ARG A 46 -4.66 -13.89 -1.98
CA ARG A 46 -6.07 -14.05 -1.62
C ARG A 46 -6.23 -14.02 -0.09
N LEU A 47 -7.27 -13.32 0.40
CA LEU A 47 -7.53 -13.23 1.84
C LEU A 47 -7.65 -14.65 2.45
N GLU A 48 -8.34 -15.58 1.76
CA GLU A 48 -8.51 -16.97 2.25
C GLU A 48 -7.18 -17.69 2.44
N ASP A 49 -6.20 -17.44 1.55
CA ASP A 49 -4.86 -18.00 1.65
C ASP A 49 -4.12 -17.42 2.87
N LEU A 50 -4.24 -16.10 3.10
CA LEU A 50 -3.61 -15.46 4.26
C LEU A 50 -4.21 -15.98 5.58
N LEU A 51 -5.55 -16.10 5.64
CA LEU A 51 -6.27 -16.56 6.84
C LEU A 51 -5.93 -18.01 7.21
N ARG A 52 -5.83 -18.87 6.19
CA ARG A 52 -5.50 -20.28 6.35
C ARG A 52 -4.09 -20.47 6.97
N GLN A 53 -3.13 -19.63 6.57
CA GLN A 53 -1.73 -19.74 7.00
C GLN A 53 -1.43 -19.12 8.36
N ARG A 54 -2.46 -18.58 9.07
CA ARG A 54 -2.29 -17.99 10.40
C ARG A 54 -1.68 -18.96 11.42
N SER A 55 -1.98 -20.27 11.28
CA SER A 55 -1.42 -21.31 12.16
C SER A 55 0.03 -21.65 11.82
N ASN A 56 0.53 -21.22 10.62
CA ASN A 56 1.91 -21.46 10.18
C ASN A 56 2.80 -20.29 10.66
N ILE A 57 3.34 -20.43 11.88
CA ILE A 57 4.14 -19.43 12.59
C ILE A 57 5.61 -19.84 12.69
N PHE A 58 6.55 -18.89 12.46
CA PHE A 58 7.99 -19.15 12.54
C PHE A 58 8.36 -19.66 13.93
N SER A 59 9.18 -20.71 13.99
CA SER A 59 9.68 -21.26 15.25
C SER A 59 10.68 -20.28 15.89
N ARG A 60 10.97 -20.47 17.21
CA ARG A 60 11.97 -19.69 17.95
C ARG A 60 13.32 -19.75 17.21
N GLU A 61 13.69 -20.95 16.66
CA GLU A 61 14.92 -21.16 15.88
C GLU A 61 14.89 -20.33 14.60
N GLU A 62 13.75 -20.33 13.90
CA GLU A 62 13.56 -19.56 12.67
C GLU A 62 13.69 -18.05 12.93
N VAL A 63 13.08 -17.55 14.03
CA VAL A 63 13.14 -16.14 14.42
C VAL A 63 14.60 -15.74 14.66
N THR A 64 15.32 -16.57 15.44
CA THR A 64 16.75 -16.40 15.73
C THR A 64 17.56 -16.31 14.43
N GLY A 65 17.27 -17.20 13.48
CA GLY A 65 17.89 -17.21 12.14
C GLY A 65 17.77 -15.85 11.45
N TYR A 66 16.55 -15.27 11.43
CA TYR A 66 16.33 -13.95 10.84
C TYR A 66 17.09 -12.84 11.58
N GLN A 67 17.14 -12.96 12.92
CA GLN A 67 17.83 -12.01 13.80
C GLN A 67 19.33 -12.04 13.60
N ARG A 68 19.88 -13.20 13.20
CA ARG A 68 21.31 -13.37 12.96
C ARG A 68 21.74 -12.95 11.55
N LYS A 69 20.78 -12.65 10.65
CA LYS A 69 21.10 -12.17 9.31
C LYS A 69 21.75 -10.79 9.43
N SER A 70 22.61 -10.46 8.47
CA SER A 70 23.21 -9.13 8.50
C SER A 70 22.15 -8.06 8.21
N MET A 71 22.41 -6.81 8.66
CA MET A 71 21.52 -5.68 8.40
C MET A 71 21.29 -5.48 6.89
N TRP A 72 22.37 -5.56 6.09
CA TRP A 72 22.24 -5.37 4.65
C TRP A 72 21.42 -6.46 3.97
N GLU A 73 21.64 -7.74 4.34
CA GLU A 73 20.89 -8.88 3.78
C GLU A 73 19.37 -8.73 4.10
N MET A 74 19.02 -8.38 5.35
CA MET A 74 17.62 -8.18 5.76
C MET A 74 16.96 -7.02 5.00
N TRP A 75 17.67 -5.88 4.85
CA TRP A 75 17.16 -4.72 4.10
C TRP A 75 16.89 -5.09 2.64
N GLU A 76 17.84 -5.79 2.01
CA GLU A 76 17.68 -6.22 0.63
C GLU A 76 16.44 -7.12 0.46
N ARG A 77 16.28 -8.11 1.36
CA ARG A 77 15.14 -9.06 1.32
C ARG A 77 13.82 -8.28 1.43
N CYS A 78 13.74 -7.37 2.42
CA CYS A 78 12.57 -6.54 2.69
C CYS A 78 12.25 -5.61 1.52
N ALA A 79 13.27 -4.94 0.93
CA ALA A 79 13.10 -4.07 -0.24
C ALA A 79 12.53 -4.84 -1.43
N HIS A 80 13.00 -6.10 -1.67
CA HIS A 80 12.48 -6.95 -2.75
C HIS A 80 10.98 -7.28 -2.53
N HIS A 81 10.62 -7.74 -1.31
CA HIS A 81 9.22 -8.09 -1.00
C HIS A 81 8.29 -6.89 -1.12
N LEU A 82 8.75 -5.72 -0.64
CA LEU A 82 8.00 -4.47 -0.76
C LEU A 82 7.83 -4.09 -2.25
N THR A 83 8.91 -4.29 -3.07
CA THR A 83 8.86 -4.01 -4.51
C THR A 83 7.81 -4.89 -5.19
N GLU A 84 7.76 -6.21 -4.83
CA GLU A 84 6.77 -7.17 -5.33
C GLU A 84 5.34 -6.64 -5.05
N ALA A 85 5.09 -6.21 -3.79
CA ALA A 85 3.79 -5.63 -3.38
C ALA A 85 3.44 -4.35 -4.16
N ILE A 86 4.44 -3.45 -4.38
CA ILE A 86 4.24 -2.19 -5.12
C ILE A 86 3.81 -2.46 -6.57
N GLN A 87 4.42 -3.47 -7.22
CA GLN A 87 4.10 -3.83 -8.60
C GLN A 87 2.60 -4.17 -8.75
N TYR A 88 2.00 -4.83 -7.75
CA TYR A 88 0.55 -5.12 -7.78
C TYR A 88 -0.27 -3.84 -7.63
N VAL A 89 0.25 -2.87 -6.82
CA VAL A 89 -0.38 -1.57 -6.61
C VAL A 89 -0.38 -0.77 -7.94
N VAL A 90 0.74 -0.83 -8.70
CA VAL A 90 0.85 -0.19 -10.01
C VAL A 90 -0.23 -0.76 -10.97
N GLU A 91 -0.40 -2.09 -10.99
CA GLU A 91 -1.44 -2.77 -11.81
C GLU A 91 -2.84 -2.32 -11.37
N PHE A 92 -3.10 -2.24 -10.06
CA PHE A 92 -4.36 -1.74 -9.49
C PHE A 92 -4.66 -0.33 -10.03
N ALA A 93 -3.65 0.58 -9.97
CA ALA A 93 -3.76 1.95 -10.48
C ALA A 93 -4.15 1.95 -11.96
N LYS A 94 -3.43 1.16 -12.78
CA LYS A 94 -3.67 1.05 -14.23
C LYS A 94 -5.12 0.62 -14.56
N ARG A 95 -5.72 -0.24 -13.72
CA ARG A 95 -7.09 -0.75 -13.86
C ARG A 95 -8.17 0.16 -13.26
N LEU A 96 -7.77 1.14 -12.45
CA LEU A 96 -8.67 2.06 -11.77
C LEU A 96 -9.27 3.07 -12.76
N SER A 97 -10.63 3.19 -12.74
CA SER A 97 -11.39 4.11 -13.62
C SER A 97 -10.83 5.51 -13.54
N GLY A 98 -10.47 6.07 -14.69
CA GLY A 98 -9.92 7.42 -14.80
C GLY A 98 -8.41 7.58 -14.65
N PHE A 99 -7.72 6.65 -13.95
CA PHE A 99 -6.27 6.78 -13.73
C PHE A 99 -5.46 6.88 -15.04
N MET A 100 -5.71 6.00 -16.02
CA MET A 100 -5.00 6.01 -17.31
C MET A 100 -5.37 7.21 -18.20
N GLU A 101 -6.44 7.95 -17.86
CA GLU A 101 -6.90 9.16 -18.57
C GLU A 101 -6.18 10.40 -18.06
N LEU A 102 -5.46 10.28 -16.91
CA LEU A 102 -4.66 11.37 -16.35
C LEU A 102 -3.37 11.44 -17.16
N CYS A 103 -2.67 12.59 -17.16
CA CYS A 103 -1.38 12.70 -17.85
C CYS A 103 -0.34 11.89 -17.11
N GLN A 104 0.71 11.45 -17.83
CA GLN A 104 1.79 10.63 -17.28
C GLN A 104 2.50 11.28 -16.08
N ASN A 105 2.69 12.64 -16.08
CA ASN A 105 3.29 13.34 -14.94
C ASN A 105 2.46 13.02 -13.69
N ASP A 106 1.13 13.23 -13.76
CA ASP A 106 0.20 13.04 -12.66
C ASP A 106 0.08 11.58 -12.22
N GLN A 107 0.11 10.62 -13.18
CA GLN A 107 0.11 9.17 -12.89
C GLN A 107 1.34 8.85 -12.00
N ILE A 108 2.52 9.38 -12.39
CA ILE A 108 3.78 9.18 -11.66
C ILE A 108 3.72 9.87 -10.30
N VAL A 109 3.29 11.15 -10.24
CA VAL A 109 3.14 11.87 -8.97
C VAL A 109 2.28 11.00 -7.98
N LEU A 110 1.10 10.56 -8.43
CA LEU A 110 0.20 9.76 -7.59
C LEU A 110 0.82 8.45 -7.12
N LEU A 111 1.48 7.71 -8.03
CA LEU A 111 2.11 6.46 -7.63
C LEU A 111 3.32 6.66 -6.72
N LYS A 112 4.17 7.66 -6.99
CA LYS A 112 5.32 7.98 -6.14
C LYS A 112 4.91 8.32 -4.69
N ALA A 113 3.83 9.11 -4.52
CA ALA A 113 3.39 9.47 -3.18
C ALA A 113 2.51 8.38 -2.51
N GLY A 114 1.68 7.71 -3.30
CA GLY A 114 0.68 6.76 -2.80
C GLY A 114 0.95 5.26 -2.80
N ALA A 115 1.88 4.76 -3.64
CA ALA A 115 2.15 3.32 -3.71
C ALA A 115 2.44 2.66 -2.35
N MET A 116 3.41 3.21 -1.60
CA MET A 116 3.76 2.69 -0.27
C MET A 116 2.57 2.78 0.71
N GLU A 117 1.80 3.88 0.64
CA GLU A 117 0.60 4.07 1.48
C GLU A 117 -0.40 2.91 1.24
N VAL A 118 -0.64 2.53 -0.04
CA VAL A 118 -1.55 1.43 -0.43
C VAL A 118 -1.03 0.08 0.13
N VAL A 119 0.28 -0.20 -0.05
CA VAL A 119 0.93 -1.42 0.46
C VAL A 119 0.70 -1.53 1.98
N LEU A 120 0.93 -0.42 2.73
CA LEU A 120 0.76 -0.35 4.19
C LEU A 120 -0.68 -0.64 4.59
N VAL A 121 -1.67 -0.15 3.82
CA VAL A 121 -3.08 -0.45 4.10
C VAL A 121 -3.37 -1.94 3.80
N ARG A 122 -2.98 -2.43 2.60
CA ARG A 122 -3.13 -3.84 2.15
C ARG A 122 -2.53 -4.83 3.17
N MET A 123 -1.42 -4.43 3.82
CA MET A 123 -0.71 -5.26 4.80
C MET A 123 -1.58 -5.69 5.99
N CYS A 124 -2.61 -4.89 6.39
CA CYS A 124 -3.47 -5.29 7.50
C CYS A 124 -4.13 -6.67 7.25
N ARG A 125 -4.39 -7.05 5.98
CA ARG A 125 -4.95 -8.37 5.59
C ARG A 125 -4.01 -9.51 5.99
N ALA A 126 -2.67 -9.23 5.94
CA ALA A 126 -1.59 -10.17 6.26
C ALA A 126 -1.16 -10.09 7.71
N TYR A 127 -1.86 -9.28 8.51
CA TYR A 127 -1.56 -9.11 9.93
C TYR A 127 -2.59 -9.83 10.81
N ASN A 128 -2.08 -10.63 11.74
CA ASN A 128 -2.90 -11.36 12.68
C ASN A 128 -2.90 -10.63 14.02
N ALA A 129 -4.01 -9.93 14.31
CA ALA A 129 -4.20 -9.15 15.53
C ALA A 129 -4.22 -10.01 16.80
N ASP A 130 -4.66 -11.29 16.70
CA ASP A 130 -4.73 -12.24 17.82
C ASP A 130 -3.37 -12.51 18.48
N ASN A 131 -2.29 -12.70 17.68
CA ASN A 131 -0.94 -12.98 18.21
C ASN A 131 0.11 -11.93 17.80
N ARG A 132 -0.33 -10.83 17.14
CA ARG A 132 0.50 -9.70 16.71
C ARG A 132 1.64 -10.17 15.76
N THR A 133 1.26 -10.94 14.73
CA THR A 133 2.21 -11.48 13.75
C THR A 133 1.85 -11.01 12.33
N VAL A 134 2.84 -10.98 11.44
CA VAL A 134 2.67 -10.59 10.04
C VAL A 134 3.17 -11.74 9.12
N PHE A 135 2.53 -11.90 7.95
CA PHE A 135 2.92 -12.88 6.94
C PHE A 135 4.16 -12.33 6.20
N PHE A 136 5.26 -13.08 6.28
CA PHE A 136 6.53 -12.72 5.70
C PHE A 136 7.26 -14.01 5.31
N GLU A 137 7.66 -14.11 4.02
CA GLU A 137 8.40 -15.26 3.45
C GLU A 137 7.79 -16.62 3.85
N GLY A 138 6.49 -16.78 3.62
CA GLY A 138 5.79 -18.05 3.84
C GLY A 138 5.22 -18.37 5.20
N LYS A 139 5.55 -17.60 6.26
CA LYS A 139 5.02 -17.87 7.61
C LYS A 139 4.70 -16.58 8.38
N TYR A 140 4.04 -16.72 9.53
CA TYR A 140 3.74 -15.59 10.38
C TYR A 140 4.84 -15.37 11.42
N GLY A 141 5.25 -14.12 11.57
CA GLY A 141 6.26 -13.73 12.55
C GLY A 141 5.94 -12.41 13.22
N GLY A 142 6.38 -12.26 14.47
CA GLY A 142 6.21 -11.03 15.23
C GLY A 142 7.24 -10.00 14.78
N MET A 143 7.17 -8.80 15.34
CA MET A 143 8.07 -7.71 14.97
C MET A 143 9.56 -8.01 15.28
N GLU A 144 9.84 -8.92 16.26
CA GLU A 144 11.19 -9.38 16.61
C GLU A 144 11.89 -10.03 15.42
N LEU A 145 11.11 -10.51 14.42
CA LEU A 145 11.67 -11.12 13.21
C LEU A 145 12.52 -10.10 12.43
N PHE A 146 12.20 -8.79 12.52
CA PHE A 146 12.84 -7.71 11.77
C PHE A 146 13.95 -6.95 12.53
N ARG A 147 14.36 -7.47 13.69
CA ARG A 147 15.35 -6.82 14.55
C ARG A 147 16.71 -6.53 13.88
N ALA A 148 17.15 -7.36 12.91
CA ALA A 148 18.43 -7.10 12.24
C ALA A 148 18.43 -5.80 11.40
N LEU A 149 17.23 -5.30 10.99
CA LEU A 149 17.11 -4.05 10.21
C LEU A 149 17.65 -2.83 10.90
N GLY A 150 17.54 -2.81 12.23
CA GLY A 150 17.97 -1.68 13.03
C GLY A 150 17.05 -0.48 12.81
N CYS A 151 15.72 -0.74 12.68
CA CYS A 151 14.72 0.32 12.57
C CYS A 151 13.47 -0.04 13.41
N SER A 152 13.70 -0.36 14.71
CA SER A 152 12.68 -0.81 15.70
C SER A 152 11.45 0.06 15.77
N GLU A 153 11.63 1.40 15.80
CA GLU A 153 10.55 2.38 15.87
C GLU A 153 9.63 2.27 14.65
N LEU A 154 10.23 2.27 13.42
CA LEU A 154 9.49 2.14 12.15
C LEU A 154 8.69 0.80 12.13
N ILE A 155 9.34 -0.34 12.48
CA ILE A 155 8.70 -1.66 12.52
C ILE A 155 7.50 -1.66 13.48
N SER A 156 7.70 -1.22 14.74
CA SER A 156 6.58 -1.19 15.70
C SER A 156 5.48 -0.21 15.27
N SER A 157 5.81 0.92 14.59
CA SER A 157 4.82 1.86 14.04
C SER A 157 3.97 1.18 12.94
N ILE A 158 4.59 0.33 12.13
CA ILE A 158 3.87 -0.39 11.06
C ILE A 158 2.97 -1.44 11.72
N PHE A 159 3.49 -2.17 12.73
CA PHE A 159 2.71 -3.18 13.46
C PHE A 159 1.49 -2.53 14.19
N ASP A 160 1.69 -1.36 14.80
CA ASP A 160 0.63 -0.62 15.50
C ASP A 160 -0.45 -0.16 14.50
N PHE A 161 -0.03 0.33 13.33
CA PHE A 161 -0.93 0.75 12.25
C PHE A 161 -1.81 -0.41 11.76
N SER A 162 -1.16 -1.57 11.47
CA SER A 162 -1.83 -2.80 11.05
C SER A 162 -2.79 -3.27 12.14
N HIS A 163 -2.40 -3.16 13.42
CA HIS A 163 -3.26 -3.54 14.55
C HIS A 163 -4.53 -2.67 14.55
N SER A 164 -4.35 -1.34 14.38
CA SER A 164 -5.44 -0.38 14.37
C SER A 164 -6.40 -0.62 13.18
N LEU A 165 -5.87 -0.91 11.97
CA LEU A 165 -6.70 -1.21 10.81
C LEU A 165 -7.46 -2.53 10.99
N SER A 166 -6.77 -3.57 11.55
CA SER A 166 -7.35 -4.90 11.82
C SER A 166 -8.59 -4.82 12.72
N ALA A 167 -8.59 -3.86 13.68
CA ALA A 167 -9.70 -3.62 14.63
C ALA A 167 -10.97 -3.13 13.91
N LEU A 168 -10.84 -2.59 12.68
CA LEU A 168 -11.99 -2.14 11.89
C LEU A 168 -12.71 -3.31 11.18
N HIS A 169 -12.07 -4.51 11.11
CA HIS A 169 -12.60 -5.70 10.44
C HIS A 169 -13.02 -5.38 8.99
N PHE A 170 -12.09 -4.81 8.23
CA PHE A 170 -12.34 -4.45 6.83
C PHE A 170 -12.74 -5.65 5.99
N SER A 171 -13.70 -5.44 5.08
CA SER A 171 -14.01 -6.46 4.09
C SER A 171 -13.06 -6.17 2.92
N GLU A 172 -12.99 -7.09 1.94
CA GLU A 172 -12.17 -6.90 0.75
C GLU A 172 -12.69 -5.71 -0.06
N ASP A 173 -14.03 -5.56 -0.18
CA ASP A 173 -14.64 -4.43 -0.88
C ASP A 173 -14.28 -3.06 -0.23
N GLU A 174 -14.20 -3.02 1.12
CA GLU A 174 -13.83 -1.82 1.88
C GLU A 174 -12.36 -1.45 1.61
N ILE A 175 -11.44 -2.44 1.62
CA ILE A 175 -10.03 -2.24 1.30
C ILE A 175 -9.90 -1.71 -0.13
N ALA A 176 -10.65 -2.28 -1.08
CA ALA A 176 -10.66 -1.85 -2.48
C ALA A 176 -10.96 -0.33 -2.61
N LEU A 177 -12.10 0.09 -2.04
CA LEU A 177 -12.58 1.47 -2.11
C LEU A 177 -11.68 2.44 -1.35
N TYR A 178 -11.25 2.06 -0.14
CA TYR A 178 -10.36 2.89 0.66
C TYR A 178 -9.00 3.10 0.01
N THR A 179 -8.37 2.01 -0.51
CA THR A 179 -7.06 2.13 -1.18
C THR A 179 -7.15 2.94 -2.45
N ALA A 180 -8.30 2.88 -3.16
CA ALA A 180 -8.51 3.69 -4.38
C ALA A 180 -8.41 5.18 -3.99
N LEU A 181 -9.05 5.56 -2.86
CA LEU A 181 -8.99 6.91 -2.28
C LEU A 181 -7.60 7.30 -1.79
N VAL A 182 -6.84 6.36 -1.16
CA VAL A 182 -5.45 6.60 -0.72
C VAL A 182 -4.62 7.05 -1.95
N LEU A 183 -4.77 6.35 -3.09
CA LEU A 183 -4.06 6.65 -4.32
C LEU A 183 -4.56 7.93 -5.03
N ILE A 184 -5.89 8.09 -5.24
CA ILE A 184 -6.42 9.26 -5.94
C ILE A 184 -6.64 10.42 -4.95
N ASN A 185 -5.53 11.14 -4.68
CA ASN A 185 -5.43 12.26 -3.74
C ASN A 185 -5.04 13.53 -4.53
N ALA A 186 -5.97 14.49 -4.62
CA ALA A 186 -5.76 15.74 -5.36
C ALA A 186 -4.82 16.71 -4.67
N HIS A 187 -4.45 16.45 -3.41
CA HIS A 187 -3.55 17.31 -2.67
C HIS A 187 -2.08 16.94 -2.86
N ARG A 188 -1.76 15.88 -3.63
CA ARG A 188 -0.36 15.54 -3.85
C ARG A 188 0.40 16.68 -4.52
N PRO A 189 1.50 17.15 -3.89
CA PRO A 189 2.33 18.19 -4.55
C PRO A 189 2.84 17.70 -5.91
N GLY A 190 2.71 18.54 -6.93
CA GLY A 190 3.22 18.25 -8.27
C GLY A 190 2.20 17.92 -9.31
N LEU A 191 0.93 17.79 -8.91
CA LEU A 191 -0.16 17.49 -9.85
C LEU A 191 -0.42 18.65 -10.79
N GLN A 192 -0.37 18.37 -12.09
CA GLN A 192 -0.60 19.37 -13.13
C GLN A 192 -2.10 19.59 -13.35
N GLU A 193 -2.84 18.49 -13.53
CA GLU A 193 -4.30 18.54 -13.74
C GLU A 193 -5.05 18.28 -12.41
N LYS A 194 -4.83 19.18 -11.43
CA LYS A 194 -5.42 19.09 -10.08
C LYS A 194 -6.95 18.98 -10.07
N ARG A 195 -7.65 19.79 -10.89
CA ARG A 195 -9.11 19.79 -10.95
C ARG A 195 -9.67 18.44 -11.41
N LYS A 196 -9.02 17.80 -12.42
CA LYS A 196 -9.39 16.46 -12.90
C LYS A 196 -9.25 15.44 -11.78
N VAL A 197 -8.12 15.52 -11.02
CA VAL A 197 -7.88 14.61 -9.89
C VAL A 197 -8.94 14.84 -8.79
N GLU A 198 -9.24 16.12 -8.47
CA GLU A 198 -10.27 16.49 -7.47
C GLU A 198 -11.61 15.84 -7.79
N GLN A 199 -12.06 15.90 -9.06
CA GLN A 199 -13.33 15.30 -9.45
C GLN A 199 -13.30 13.77 -9.35
N LEU A 200 -12.21 13.14 -9.78
CA LEU A 200 -12.07 11.68 -9.66
C LEU A 200 -12.09 11.28 -8.16
N GLN A 201 -11.37 12.04 -7.32
CA GLN A 201 -11.34 11.80 -5.87
C GLN A 201 -12.78 11.89 -5.27
N TYR A 202 -13.51 12.96 -5.61
CA TYR A 202 -14.89 13.21 -5.17
C TYR A 202 -15.77 11.99 -5.49
N ASN A 203 -15.73 11.50 -6.76
CA ASN A 203 -16.51 10.32 -7.20
C ASN A 203 -16.11 9.04 -6.48
N LEU A 204 -14.78 8.81 -6.29
CA LEU A 204 -14.28 7.67 -5.53
C LEU A 204 -14.72 7.77 -4.04
N GLU A 205 -14.77 9.01 -3.47
CA GLU A 205 -15.24 9.25 -2.08
C GLU A 205 -16.73 8.83 -1.99
N LEU A 206 -17.54 9.25 -2.98
CA LEU A 206 -18.97 8.90 -3.09
C LEU A 206 -19.13 7.40 -3.20
N ALA A 207 -18.32 6.72 -4.05
CA ALA A 207 -18.37 5.28 -4.21
C ALA A 207 -18.12 4.58 -2.85
N PHE A 208 -17.05 5.01 -2.14
CA PHE A 208 -16.70 4.43 -0.83
C PHE A 208 -17.84 4.62 0.21
N HIS A 209 -18.30 5.87 0.35
CA HIS A 209 -19.34 6.26 1.30
C HIS A 209 -20.70 5.64 0.94
N HIS A 210 -21.00 5.50 -0.36
CA HIS A 210 -22.20 4.81 -0.83
C HIS A 210 -22.19 3.34 -0.38
N HIS A 211 -21.03 2.64 -0.58
CA HIS A 211 -20.89 1.24 -0.18
C HIS A 211 -21.05 1.07 1.34
N LEU A 212 -20.43 1.97 2.13
CA LEU A 212 -20.56 1.96 3.59
C LEU A 212 -22.03 2.20 3.98
N CYS A 213 -22.71 3.13 3.29
CA CYS A 213 -24.13 3.41 3.57
C CYS A 213 -25.00 2.17 3.33
N LYS A 214 -24.80 1.53 2.16
CA LYS A 214 -25.51 0.34 1.68
C LYS A 214 -25.30 -0.89 2.54
N THR A 215 -24.13 -1.01 3.17
CA THR A 215 -23.80 -2.17 4.01
C THR A 215 -23.85 -1.85 5.50
N HIS A 216 -24.41 -0.66 5.88
CA HIS A 216 -24.55 -0.20 7.27
C HIS A 216 -23.20 -0.23 8.00
N ARG A 217 -22.16 0.31 7.34
CA ARG A 217 -20.80 0.36 7.85
C ARG A 217 -20.25 1.79 7.96
N GLN A 218 -21.16 2.80 8.03
CA GLN A 218 -20.76 4.22 8.14
C GLN A 218 -20.07 4.53 9.48
N SER A 219 -20.24 3.67 10.50
CA SER A 219 -19.59 3.80 11.80
C SER A 219 -18.05 3.78 11.70
N ILE A 220 -17.48 3.18 10.61
CA ILE A 220 -16.01 3.12 10.46
C ILE A 220 -15.43 4.48 10.03
N LEU A 221 -16.25 5.40 9.48
CA LEU A 221 -15.76 6.69 9.00
C LEU A 221 -14.96 7.48 10.05
N ALA A 222 -15.51 7.58 11.28
CA ALA A 222 -14.85 8.28 12.38
C ALA A 222 -13.67 7.49 12.97
N LYS A 223 -13.55 6.18 12.62
CA LYS A 223 -12.51 5.27 13.12
C LYS A 223 -11.30 5.11 12.19
N LEU A 224 -11.37 5.62 10.96
CA LEU A 224 -10.27 5.53 10.00
C LEU A 224 -9.07 6.39 10.46
N PRO A 225 -7.81 5.99 10.20
CA PRO A 225 -6.67 6.82 10.67
C PRO A 225 -6.62 8.21 10.01
N PRO A 226 -6.09 9.26 10.70
CA PRO A 226 -5.96 10.59 10.03
C PRO A 226 -4.92 10.48 8.91
N LYS A 227 -5.02 11.31 7.80
CA LYS A 227 -4.09 11.26 6.64
C LYS A 227 -2.60 11.44 7.01
N GLY A 228 -2.37 12.18 8.11
CA GLY A 228 -1.03 12.41 8.65
C GLY A 228 -0.37 11.12 9.10
N LYS A 229 -1.17 10.11 9.49
CA LYS A 229 -0.67 8.82 9.94
C LYS A 229 0.08 8.07 8.81
N LEU A 230 -0.53 7.93 7.61
CA LEU A 230 0.13 7.27 6.46
C LEU A 230 1.37 8.05 5.99
N ARG A 231 1.31 9.40 6.01
CA ARG A 231 2.43 10.30 5.68
C ARG A 231 3.59 10.06 6.65
N SER A 232 3.32 10.00 7.98
CA SER A 232 4.33 9.76 9.02
C SER A 232 5.07 8.44 8.74
N LEU A 233 4.32 7.35 8.44
CA LEU A 233 4.92 6.05 8.14
C LEU A 233 5.84 6.10 6.91
N CYS A 234 5.40 6.77 5.82
CA CYS A 234 6.20 6.87 4.59
C CYS A 234 7.43 7.71 4.78
N SER A 235 7.31 8.81 5.55
CA SER A 235 8.43 9.72 5.88
C SER A 235 9.46 8.95 6.71
N GLN A 236 8.99 8.15 7.71
CA GLN A 236 9.83 7.31 8.57
C GLN A 236 10.62 6.30 7.72
N HIS A 237 9.94 5.66 6.72
CA HIS A 237 10.53 4.69 5.81
C HIS A 237 11.70 5.34 5.04
N VAL A 238 11.43 6.49 4.39
CA VAL A 238 12.42 7.27 3.62
C VAL A 238 13.63 7.64 4.54
N GLU A 239 13.36 8.08 5.78
CA GLU A 239 14.40 8.42 6.76
C GLU A 239 15.31 7.20 7.12
N ARG A 240 14.72 6.04 7.49
CA ARG A 240 15.48 4.83 7.82
C ARG A 240 16.27 4.30 6.62
N LEU A 241 15.68 4.39 5.39
CA LEU A 241 16.36 3.98 4.16
C LEU A 241 17.62 4.86 4.00
N GLN A 242 17.50 6.19 4.22
CA GLN A 242 18.63 7.11 4.13
C GLN A 242 19.76 6.73 5.12
N ILE A 243 19.41 6.38 6.37
CA ILE A 243 20.38 5.93 7.39
C ILE A 243 21.11 4.67 6.88
N PHE A 244 20.33 3.69 6.37
CA PHE A 244 20.88 2.45 5.83
C PHE A 244 21.79 2.72 4.65
N GLN A 245 21.36 3.63 3.76
CA GLN A 245 22.10 4.02 2.55
C GLN A 245 23.47 4.56 2.88
N HIS A 246 23.59 5.44 3.90
CA HIS A 246 24.86 6.03 4.34
C HIS A 246 25.86 4.93 4.79
N LEU A 247 25.36 3.89 5.50
CA LEU A 247 26.12 2.76 6.04
C LEU A 247 26.53 1.73 4.99
N HIS A 248 25.66 1.47 4.00
CA HIS A 248 25.89 0.44 2.97
C HIS A 248 25.50 1.01 1.59
N PRO A 249 26.19 2.07 1.08
CA PRO A 249 25.74 2.68 -0.18
C PRO A 249 25.79 1.77 -1.40
N ILE A 250 26.80 0.89 -1.48
CA ILE A 250 26.97 -0.04 -2.59
C ILE A 250 25.89 -1.12 -2.55
N VAL A 251 25.45 -1.53 -1.34
CA VAL A 251 24.35 -2.49 -1.21
C VAL A 251 23.11 -1.88 -1.92
N VAL A 252 22.81 -0.59 -1.65
CA VAL A 252 21.65 0.09 -2.25
C VAL A 252 21.86 0.21 -3.76
N GLN A 253 23.02 0.71 -4.19
CA GLN A 253 23.31 0.89 -5.61
C GLN A 253 23.32 -0.42 -6.43
N ALA A 254 23.94 -1.47 -5.90
CA ALA A 254 24.07 -2.73 -6.62
C ALA A 254 22.97 -3.75 -6.40
N ALA A 255 22.33 -3.77 -5.21
CA ALA A 255 21.38 -4.86 -4.94
C ALA A 255 19.94 -4.46 -4.56
N PHE A 256 19.62 -3.16 -4.49
CA PHE A 256 18.24 -2.77 -4.20
C PHE A 256 17.43 -2.74 -5.51
N PRO A 257 16.12 -3.16 -5.52
CA PRO A 257 15.36 -3.14 -6.78
C PRO A 257 15.28 -1.76 -7.42
N PRO A 258 15.43 -1.66 -8.77
CA PRO A 258 15.36 -0.34 -9.43
C PRO A 258 14.09 0.47 -9.13
N LEU A 259 12.92 -0.19 -9.09
CA LEU A 259 11.65 0.47 -8.79
C LEU A 259 11.66 1.05 -7.36
N TYR A 260 12.15 0.26 -6.38
CA TYR A 260 12.26 0.70 -4.99
C TYR A 260 13.10 2.00 -4.96
N LYS A 261 14.25 2.03 -5.69
CA LYS A 261 15.12 3.21 -5.73
C LYS A 261 14.44 4.42 -6.38
N GLU A 262 13.72 4.19 -7.50
CA GLU A 262 12.97 5.24 -8.20
C GLU A 262 11.93 5.91 -7.25
N LEU A 263 11.24 5.10 -6.44
CA LEU A 263 10.23 5.61 -5.51
C LEU A 263 10.76 6.21 -4.20
N PHE A 264 11.79 5.63 -3.59
CA PHE A 264 12.23 6.07 -2.26
C PHE A 264 13.60 6.75 -2.16
N SER A 265 14.42 6.73 -3.22
CA SER A 265 15.72 7.41 -3.22
C SER A 265 16.03 8.12 -4.56
N GLY A 266 14.98 8.67 -5.18
CA GLY A 266 15.02 9.41 -6.44
C GLY A 266 15.83 8.81 -7.58
N GLY A 267 15.77 7.48 -7.71
CA GLY A 267 16.49 6.73 -8.74
C GLY A 267 17.87 6.27 -8.30
N LYS B 5 12.34 5.91 -14.72
CA LYS B 5 12.54 4.97 -15.80
C LYS B 5 11.59 3.77 -15.70
N ILE B 6 11.60 3.04 -14.55
CA ILE B 6 10.79 1.83 -14.34
C ILE B 6 9.29 2.11 -14.37
N LEU B 7 8.86 3.14 -13.62
CA LEU B 7 7.46 3.52 -13.54
C LEU B 7 6.91 3.83 -14.92
N HIS B 8 7.63 4.65 -15.71
CA HIS B 8 7.29 5.01 -17.09
C HIS B 8 7.05 3.73 -17.90
N ARG B 9 7.99 2.77 -17.82
CA ARG B 9 7.92 1.48 -18.51
C ARG B 9 6.68 0.68 -18.09
N LEU B 10 6.46 0.53 -16.77
CA LEU B 10 5.30 -0.19 -16.22
C LEU B 10 3.96 0.39 -16.69
N LEU B 11 3.88 1.74 -16.76
CA LEU B 11 2.67 2.43 -17.19
C LEU B 11 2.39 2.30 -18.69
N GLN B 12 3.47 2.24 -19.52
CA GLN B 12 3.42 2.12 -20.98
C GLN B 12 3.15 0.67 -21.45
N ASP B 13 3.61 -0.33 -20.66
CA ASP B 13 3.48 -1.76 -21.00
C ASP B 13 2.04 -2.28 -20.85
N SER B 14 1.31 -2.35 -21.99
CA SER B 14 -0.06 -2.84 -22.08
C SER B 14 -0.15 -4.11 -22.92
#